data_2ZR8
#
_entry.id   2ZR8
#
_cell.length_a   59.540
_cell.length_b   72.880
_cell.length_c   64.810
_cell.angle_alpha   90.00
_cell.angle_beta   101.73
_cell.angle_gamma   90.00
#
_symmetry.space_group_name_H-M   'C 1 2 1'
#
loop_
_entity.id
_entity.type
_entity.pdbx_description
1 polymer 'Uncharacterized protein C320.14'
2 non-polymer "N-(5'-PHOSPHOPYRIDOXYL)-D-ALANINE"
3 non-polymer SERINE
4 non-polymer 'MAGNESIUM ION'
5 water water
#
_entity_poly.entity_id   1
_entity_poly.type   'polypeptide(L)'
_entity_poly.pdbx_seq_one_letter_code
;MSDNLVLPTYDDVASASERIKKFANKTPVLTSSTVNKEFVAEVFFKCENFQKMGAFKFRGALNALSQLNEAQRKAGVLTF
SSGNHAQAIALSAKILGIPAKIIMPLDAPEAKVAATKGYGGQVIMYDRYKDDREKMAKEISEREGLTIIPPYDHPHVLAG
QGTAAKELFEEVGPLDALFVCLGGGGLLSGSALAARHFAPNCEVYGVEPEAGNDGQQSFRKGSIVHIDTPKTIADGAQTQ
HLGNYTFSIIKEKVDDILTVSDEELIDCLKFYAARMKIVVEPTGCLSFAAARAMKEKLKNKRIGIIISGGNVDIERYAHF
LSQ
;
_entity_poly.pdbx_strand_id   A
#
loop_
_chem_comp.id
_chem_comp.type
_chem_comp.name
_chem_comp.formula
MG non-polymer 'MAGNESIUM ION' 'Mg 2'
#
# COMPACT_ATOMS: atom_id res chain seq x y z
N LEU A 5 16.79 6.84 -14.87
CA LEU A 5 16.02 6.79 -13.58
C LEU A 5 16.85 6.03 -12.54
N VAL A 6 17.28 6.73 -11.50
CA VAL A 6 18.08 6.09 -10.44
C VAL A 6 17.16 5.38 -9.46
N LEU A 7 17.18 4.06 -9.51
CA LEU A 7 16.33 3.25 -8.65
C LEU A 7 16.85 3.02 -7.24
N PRO A 8 15.94 3.03 -6.26
CA PRO A 8 16.35 2.80 -4.87
C PRO A 8 16.67 1.32 -4.73
N THR A 9 17.52 0.97 -3.77
CA THR A 9 17.90 -0.42 -3.56
C THR A 9 17.52 -0.79 -2.13
N TYR A 10 17.92 -1.98 -1.68
CA TYR A 10 17.58 -2.37 -0.32
C TYR A 10 18.18 -1.43 0.71
N ASP A 11 19.33 -0.83 0.38
CA ASP A 11 19.99 0.11 1.29
C ASP A 11 19.04 1.21 1.75
N ASP A 12 18.22 1.70 0.83
CA ASP A 12 17.26 2.76 1.13
C ASP A 12 16.17 2.30 2.07
N VAL A 13 15.79 1.03 1.95
CA VAL A 13 14.75 0.47 2.81
C VAL A 13 15.32 0.37 4.23
N ALA A 14 16.56 -0.08 4.34
CA ALA A 14 17.21 -0.19 5.64
C ALA A 14 17.37 1.19 6.26
N SER A 15 17.72 2.19 5.45
CA SER A 15 17.88 3.53 5.99
C SER A 15 16.52 4.10 6.39
N ALA A 16 15.47 3.66 5.70
CA ALA A 16 14.12 4.12 6.01
C ALA A 16 13.67 3.59 7.37
N SER A 17 14.11 2.39 7.72
CA SER A 17 13.76 1.79 9.01
C SER A 17 14.23 2.69 10.14
N GLU A 18 15.39 3.31 9.95
CA GLU A 18 15.96 4.20 10.96
C GLU A 18 15.22 5.53 11.07
N ARG A 19 14.85 6.11 9.93
CA ARG A 19 14.16 7.39 9.95
C ARG A 19 12.77 7.32 10.57
N ILE A 20 12.11 6.18 10.46
CA ILE A 20 10.76 6.05 11.00
C ILE A 20 10.68 5.39 12.37
N LYS A 21 11.78 4.78 12.82
CA LYS A 21 11.83 4.07 14.11
C LYS A 21 11.28 4.85 15.29
N LYS A 22 11.31 6.17 15.20
CA LYS A 22 10.85 7.03 16.27
C LYS A 22 9.32 7.13 16.39
N PHE A 23 8.60 7.07 15.27
CA PHE A 23 7.14 7.20 15.31
C PHE A 23 6.29 6.05 14.79
N ALA A 24 6.88 5.16 13.99
CA ALA A 24 6.13 4.04 13.41
C ALA A 24 5.95 2.86 14.35
N ASN A 25 4.87 2.11 14.13
CA ASN A 25 4.59 0.92 14.92
C ASN A 25 5.27 -0.28 14.29
N LYS A 26 5.82 -1.16 15.13
CA LYS A 26 6.44 -2.38 14.63
C LYS A 26 5.25 -3.34 14.71
N THR A 27 4.35 -3.22 13.74
CA THR A 27 3.15 -4.04 13.70
C THR A 27 3.36 -5.53 13.99
N PRO A 28 2.44 -6.14 14.74
CA PRO A 28 2.55 -7.56 15.06
C PRO A 28 2.34 -8.46 13.85
N VAL A 29 2.76 -9.72 14.01
CA VAL A 29 2.60 -10.73 12.98
C VAL A 29 1.63 -11.76 13.55
N LEU A 30 0.50 -11.93 12.90
CA LEU A 30 -0.47 -12.91 13.37
C LEU A 30 -0.42 -14.19 12.55
N THR A 31 -0.85 -15.28 13.19
CA THR A 31 -0.89 -16.58 12.57
C THR A 31 -2.26 -17.15 12.95
N SER A 32 -2.75 -18.10 12.16
CA SER A 32 -4.06 -18.71 12.41
C SER A 32 -4.00 -20.22 12.20
N SER A 33 -4.52 -20.96 13.18
CA SER A 33 -4.53 -22.42 13.11
C SER A 33 -5.47 -22.92 12.01
N THR A 34 -6.55 -22.20 11.79
CA THR A 34 -7.52 -22.57 10.75
C THR A 34 -6.85 -22.43 9.39
N VAL A 35 -6.18 -21.29 9.18
CA VAL A 35 -5.49 -21.03 7.93
C VAL A 35 -4.38 -22.04 7.67
N ASN A 36 -3.53 -22.26 8.68
CA ASN A 36 -2.44 -23.22 8.52
C ASN A 36 -2.95 -24.63 8.24
N LYS A 37 -4.04 -25.02 8.90
CA LYS A 37 -4.61 -26.35 8.70
C LYS A 37 -5.28 -26.43 7.32
N GLU A 38 -5.95 -25.34 6.94
CA GLU A 38 -6.64 -25.25 5.65
C GLU A 38 -5.64 -25.26 4.50
N PHE A 39 -4.56 -24.50 4.66
CA PHE A 39 -3.52 -24.39 3.63
C PHE A 39 -2.45 -25.47 3.73
N VAL A 40 -2.41 -26.18 4.85
CA VAL A 40 -1.38 -27.19 5.07
C VAL A 40 -0.04 -26.43 4.93
N ALA A 41 0.03 -25.26 5.55
CA ALA A 41 1.23 -24.43 5.48
C ALA A 41 1.32 -23.49 6.68
N GLU A 42 2.43 -22.75 6.76
CA GLU A 42 2.60 -21.79 7.83
C GLU A 42 2.40 -20.42 7.21
N VAL A 43 1.32 -19.74 7.59
CA VAL A 43 1.00 -18.42 7.05
C VAL A 43 1.16 -17.33 8.08
N PHE A 44 1.94 -16.30 7.71
CA PHE A 44 2.22 -15.17 8.59
C PHE A 44 1.63 -13.87 8.04
N PHE A 45 0.78 -13.23 8.83
CA PHE A 45 0.15 -11.99 8.41
C PHE A 45 0.77 -10.74 9.05
N LYS A 46 1.34 -9.86 8.22
CA LYS A 46 1.95 -8.62 8.70
C LYS A 46 0.80 -7.61 8.73
N CYS A 47 0.40 -7.22 9.93
CA CYS A 47 -0.74 -6.33 10.16
C CYS A 47 -0.52 -4.83 10.10
N GLU A 48 -0.45 -4.28 8.90
CA GLU A 48 -0.26 -2.84 8.76
C GLU A 48 -1.56 -2.10 9.06
N ASN A 49 -2.63 -2.84 9.30
CA ASN A 49 -3.90 -2.21 9.64
C ASN A 49 -3.75 -1.72 11.08
N PHE A 50 -2.64 -2.07 11.72
CA PHE A 50 -2.35 -1.64 13.09
C PHE A 50 -1.26 -0.56 13.08
N GLN A 51 -0.85 -0.15 11.88
CA GLN A 51 0.17 0.88 11.74
C GLN A 51 -0.45 2.24 12.13
N LYS A 52 0.39 3.25 12.34
CA LYS A 52 -0.15 4.57 12.67
C LYS A 52 -1.03 4.95 11.47
N MET A 53 -2.14 5.61 11.76
CA MET A 53 -3.14 6.02 10.76
C MET A 53 -3.84 4.89 10.01
N GLY A 54 -3.73 3.67 10.55
CA GLY A 54 -4.40 2.51 9.97
C GLY A 54 -3.94 1.84 8.70
N ALA A 55 -2.76 2.18 8.20
CA ALA A 55 -2.27 1.56 6.98
C ALA A 55 -0.76 1.68 6.89
N PHE A 56 -0.19 0.93 5.96
CA PHE A 56 1.25 0.91 5.76
C PHE A 56 1.83 2.24 5.28
N LYS A 57 0.99 3.08 4.68
CA LYS A 57 1.43 4.37 4.14
C LYS A 57 2.24 5.30 5.03
N PHE A 58 2.06 5.18 6.34
CA PHE A 58 2.79 6.04 7.27
C PHE A 58 4.30 5.90 7.07
N ARG A 59 4.74 4.69 6.76
CA ARG A 59 6.15 4.39 6.56
C ARG A 59 6.76 5.22 5.43
N GLY A 60 6.13 5.19 4.26
CA GLY A 60 6.64 5.94 3.13
C GLY A 60 6.53 7.44 3.31
N ALA A 61 5.43 7.89 3.89
CA ALA A 61 5.20 9.32 4.12
C ALA A 61 6.28 9.90 5.03
N LEU A 62 6.48 9.28 6.19
CA LEU A 62 7.46 9.74 7.15
C LEU A 62 8.89 9.67 6.59
N ASN A 63 9.24 8.58 5.92
CA ASN A 63 10.58 8.46 5.37
C ASN A 63 10.86 9.57 4.37
N ALA A 64 9.86 9.91 3.56
CA ALA A 64 10.00 10.96 2.55
C ALA A 64 10.08 12.35 3.16
N LEU A 65 9.12 12.70 4.01
CA LEU A 65 9.09 14.02 4.63
C LEU A 65 10.27 14.28 5.55
N SER A 66 10.80 13.22 6.16
CA SER A 66 11.93 13.34 7.06
C SER A 66 13.19 13.74 6.32
N GLN A 67 13.20 13.52 5.01
CA GLN A 67 14.37 13.85 4.20
C GLN A 67 14.23 15.21 3.52
N LEU A 68 13.28 16.00 3.98
CA LEU A 68 13.07 17.33 3.46
C LEU A 68 13.93 18.29 4.29
N ASN A 69 14.60 19.23 3.64
CA ASN A 69 15.44 20.18 4.37
C ASN A 69 14.53 21.25 4.99
N GLU A 70 15.12 22.09 5.83
CA GLU A 70 14.39 23.13 6.52
C GLU A 70 13.53 24.02 5.61
N ALA A 71 14.09 24.46 4.49
CA ALA A 71 13.34 25.31 3.57
C ALA A 71 12.14 24.57 2.99
N GLN A 72 12.35 23.33 2.57
CA GLN A 72 11.28 22.51 1.99
C GLN A 72 10.16 22.28 2.98
N ARG A 73 10.52 21.96 4.21
CA ARG A 73 9.53 21.72 5.26
C ARG A 73 8.67 22.96 5.48
N LYS A 74 9.32 24.11 5.60
CA LYS A 74 8.58 25.35 5.83
C LYS A 74 7.76 25.75 4.61
N ALA A 75 8.26 25.42 3.42
CA ALA A 75 7.56 25.75 2.19
C ALA A 75 6.25 24.97 2.04
N GLY A 76 6.16 23.82 2.71
CA GLY A 76 4.95 23.02 2.65
C GLY A 76 4.97 21.96 1.55
N VAL A 77 4.19 20.90 1.75
CA VAL A 77 4.15 19.84 0.76
C VAL A 77 2.75 19.63 0.21
N LEU A 78 2.69 18.96 -0.94
CA LEU A 78 1.44 18.67 -1.61
C LEU A 78 1.44 17.22 -2.07
N THR A 79 0.25 16.61 -2.06
CA THR A 79 0.13 15.24 -2.54
C THR A 79 -1.28 14.94 -3.00
N PHE A 80 -1.42 13.84 -3.73
CA PHE A 80 -2.69 13.36 -4.23
C PHE A 80 -2.78 11.92 -3.75
N SER A 81 -3.96 11.53 -3.26
CA SER A 81 -4.10 10.19 -2.72
C SER A 81 -5.54 9.71 -2.60
N SER A 82 -5.73 8.40 -2.66
CA SER A 82 -7.06 7.81 -2.53
C SER A 82 -7.51 7.85 -1.08
N GLY A 83 -6.60 8.25 -0.19
CA GLY A 83 -6.98 8.36 1.21
C GLY A 83 -5.96 7.97 2.27
N ASN A 84 -5.26 6.85 2.09
CA ASN A 84 -4.29 6.43 3.09
C ASN A 84 -3.00 7.22 3.07
N HIS A 85 -2.47 7.50 1.87
CA HIS A 85 -1.24 8.30 1.77
C HIS A 85 -1.61 9.70 2.29
N ALA A 86 -2.84 10.12 2.00
CA ALA A 86 -3.34 11.42 2.42
C ALA A 86 -3.27 11.55 3.94
N GLN A 87 -3.75 10.53 4.65
CA GLN A 87 -3.73 10.50 6.10
C GLN A 87 -2.29 10.45 6.61
N ALA A 88 -1.51 9.54 6.04
CA ALA A 88 -0.11 9.36 6.44
C ALA A 88 0.69 10.65 6.28
N ILE A 89 0.49 11.32 5.15
CA ILE A 89 1.18 12.57 4.89
C ILE A 89 0.75 13.62 5.90
N ALA A 90 -0.56 13.72 6.13
CA ALA A 90 -1.08 14.71 7.07
C ALA A 90 -0.50 14.47 8.46
N LEU A 91 -0.51 13.22 8.92
CA LEU A 91 0.02 12.89 10.23
C LEU A 91 1.51 13.22 10.33
N SER A 92 2.28 12.74 9.36
CA SER A 92 3.71 12.98 9.30
C SER A 92 4.02 14.47 9.26
N ALA A 93 3.24 15.21 8.49
CA ALA A 93 3.42 16.66 8.34
C ALA A 93 3.19 17.39 9.66
N LYS A 94 2.15 17.00 10.38
CA LYS A 94 1.84 17.62 11.65
C LYS A 94 3.00 17.40 12.62
N ILE A 95 3.51 16.17 12.66
CA ILE A 95 4.61 15.82 13.53
C ILE A 95 5.86 16.66 13.26
N LEU A 96 6.14 16.88 11.97
CA LEU A 96 7.31 17.66 11.56
C LEU A 96 7.03 19.16 11.36
N GLY A 97 5.81 19.59 11.68
CA GLY A 97 5.44 20.99 11.53
C GLY A 97 5.43 21.47 10.09
N ILE A 98 5.05 20.59 9.17
CA ILE A 98 5.02 20.92 7.75
C ILE A 98 3.60 21.16 7.22
N PRO A 99 3.38 22.31 6.56
CA PRO A 99 2.04 22.61 6.02
C PRO A 99 1.77 21.59 4.92
N ALA A 100 0.57 21.02 4.90
CA ALA A 100 0.25 20.01 3.90
C ALA A 100 -1.09 20.19 3.19
N LYS A 101 -1.04 20.13 1.86
CA LYS A 101 -2.22 20.26 1.01
C LYS A 101 -2.44 18.88 0.39
N ILE A 102 -3.66 18.36 0.46
CA ILE A 102 -3.95 17.04 -0.08
C ILE A 102 -5.12 17.00 -1.06
N ILE A 103 -4.89 16.38 -2.21
CA ILE A 103 -5.91 16.23 -3.25
C ILE A 103 -6.49 14.82 -3.15
N MET A 104 -7.78 14.75 -2.82
CA MET A 104 -8.45 13.47 -2.63
C MET A 104 -9.66 13.23 -3.52
N PRO A 105 -9.91 11.96 -3.88
CA PRO A 105 -11.06 11.64 -4.73
C PRO A 105 -12.35 11.91 -3.96
N LEU A 106 -13.33 12.48 -4.64
CA LEU A 106 -14.59 12.82 -3.98
C LEU A 106 -15.31 11.61 -3.37
N ASP A 107 -15.14 10.43 -3.97
CA ASP A 107 -15.79 9.23 -3.45
C ASP A 107 -14.88 8.41 -2.54
N ALA A 108 -13.95 9.08 -1.87
CA ALA A 108 -13.04 8.39 -0.97
C ALA A 108 -13.80 8.10 0.32
N PRO A 109 -13.44 7.02 1.03
CA PRO A 109 -14.13 6.70 2.28
C PRO A 109 -14.13 7.95 3.16
N GLU A 110 -15.30 8.32 3.69
CA GLU A 110 -15.42 9.51 4.53
C GLU A 110 -14.46 9.47 5.72
N ALA A 111 -14.16 8.28 6.22
CA ALA A 111 -13.25 8.14 7.34
C ALA A 111 -11.85 8.60 6.97
N LYS A 112 -11.47 8.39 5.71
CA LYS A 112 -10.15 8.80 5.26
C LYS A 112 -10.07 10.31 5.09
N VAL A 113 -11.12 10.91 4.55
CA VAL A 113 -11.15 12.35 4.37
C VAL A 113 -11.16 13.04 5.74
N ALA A 114 -11.99 12.54 6.64
CA ALA A 114 -12.08 13.10 7.99
C ALA A 114 -10.75 13.07 8.75
N ALA A 115 -10.06 11.93 8.74
CA ALA A 115 -8.78 11.82 9.45
C ALA A 115 -7.75 12.77 8.84
N THR A 116 -7.77 12.93 7.53
CA THR A 116 -6.85 13.82 6.85
C THR A 116 -7.06 15.26 7.31
N LYS A 117 -8.32 15.69 7.38
CA LYS A 117 -8.64 17.04 7.83
C LYS A 117 -8.33 17.18 9.31
N GLY A 118 -8.55 16.11 10.06
CA GLY A 118 -8.29 16.14 11.49
C GLY A 118 -6.82 16.28 11.80
N TYR A 119 -5.98 15.63 10.99
CA TYR A 119 -4.54 15.68 11.16
C TYR A 119 -3.99 17.05 10.77
N GLY A 120 -4.86 17.87 10.18
CA GLY A 120 -4.46 19.21 9.79
C GLY A 120 -4.17 19.42 8.31
N GLY A 121 -4.55 18.46 7.47
CA GLY A 121 -4.29 18.59 6.05
C GLY A 121 -5.38 19.33 5.31
N GLN A 122 -4.99 20.22 4.39
CA GLN A 122 -5.97 20.98 3.61
C GLN A 122 -6.38 20.11 2.43
N VAL A 123 -7.64 19.70 2.42
CA VAL A 123 -8.14 18.84 1.36
C VAL A 123 -8.81 19.56 0.19
N ILE A 124 -8.49 19.09 -1.00
CA ILE A 124 -9.07 19.58 -2.25
C ILE A 124 -9.47 18.28 -2.95
N MET A 125 -10.65 18.25 -3.57
CA MET A 125 -11.08 17.00 -4.20
C MET A 125 -11.07 16.93 -5.72
N TYR A 126 -11.10 15.71 -6.23
CA TYR A 126 -11.11 15.49 -7.66
C TYR A 126 -12.04 14.33 -7.96
N ASP A 127 -12.41 14.23 -9.23
CA ASP A 127 -13.29 13.16 -9.67
C ASP A 127 -12.37 12.02 -10.08
N ARG A 128 -12.37 10.97 -9.26
CA ARG A 128 -11.52 9.80 -9.48
C ARG A 128 -11.63 9.17 -10.86
N TYR A 129 -12.84 9.16 -11.41
CA TYR A 129 -13.07 8.53 -12.71
C TYR A 129 -12.93 9.41 -13.94
N LYS A 130 -12.71 10.71 -13.76
CA LYS A 130 -12.58 11.59 -14.91
C LYS A 130 -11.47 12.63 -14.85
N ASP A 131 -11.09 13.04 -13.64
CA ASP A 131 -10.04 14.05 -13.49
C ASP A 131 -8.62 13.49 -13.53
N ASP A 132 -7.69 14.35 -13.95
CA ASP A 132 -6.28 13.98 -14.02
C ASP A 132 -5.63 14.57 -12.77
N ARG A 133 -5.62 13.80 -11.69
CA ARG A 133 -5.07 14.26 -10.44
C ARG A 133 -3.60 14.69 -10.46
N GLU A 134 -2.80 14.05 -11.30
CA GLU A 134 -1.39 14.43 -11.36
C GLU A 134 -1.24 15.79 -12.00
N LYS A 135 -2.04 16.05 -13.03
CA LYS A 135 -1.99 17.34 -13.69
C LYS A 135 -2.37 18.41 -12.66
N MET A 136 -3.38 18.11 -11.86
CA MET A 136 -3.83 19.04 -10.83
C MET A 136 -2.72 19.27 -9.83
N ALA A 137 -2.08 18.18 -9.41
CA ALA A 137 -0.99 18.27 -8.44
C ALA A 137 0.14 19.15 -8.96
N LYS A 138 0.65 18.83 -10.14
CA LYS A 138 1.72 19.59 -10.75
C LYS A 138 1.44 21.08 -10.83
N GLU A 139 0.30 21.44 -11.42
CA GLU A 139 -0.07 22.84 -11.56
C GLU A 139 -0.18 23.54 -10.21
N ILE A 140 -0.94 22.96 -9.30
CA ILE A 140 -1.11 23.56 -7.98
C ILE A 140 0.23 23.77 -7.28
N SER A 141 1.06 22.74 -7.22
CA SER A 141 2.36 22.88 -6.57
C SER A 141 3.26 23.89 -7.29
N GLU A 142 3.20 23.92 -8.62
CA GLU A 142 4.01 24.85 -9.41
C GLU A 142 3.57 26.28 -9.13
N ARG A 143 2.27 26.46 -9.01
CA ARG A 143 1.68 27.76 -8.76
C ARG A 143 1.89 28.23 -7.31
N GLU A 144 1.93 27.28 -6.38
CA GLU A 144 2.10 27.64 -4.97
C GLU A 144 3.48 27.35 -4.39
N GLY A 145 4.37 26.81 -5.20
CA GLY A 145 5.70 26.48 -4.70
C GLY A 145 5.59 25.49 -3.56
N LEU A 146 5.15 24.28 -3.86
CA LEU A 146 5.00 23.22 -2.87
C LEU A 146 5.75 21.99 -3.36
N THR A 147 6.31 21.21 -2.46
CA THR A 147 7.01 20.02 -2.88
C THR A 147 6.04 18.86 -2.97
N ILE A 148 6.01 18.20 -4.12
CA ILE A 148 5.10 17.08 -4.33
C ILE A 148 5.67 15.78 -3.80
N ILE A 149 4.92 15.13 -2.91
CA ILE A 149 5.34 13.85 -2.36
C ILE A 149 4.32 12.82 -2.86
N PRO A 150 4.62 12.20 -4.02
CA PRO A 150 3.77 11.19 -4.67
C PRO A 150 3.34 10.06 -3.74
N PRO A 151 2.14 9.50 -3.98
CA PRO A 151 1.62 8.40 -3.16
C PRO A 151 2.38 7.08 -3.34
N TYR A 152 3.19 6.98 -4.39
CA TYR A 152 3.95 5.75 -4.64
C TYR A 152 5.15 5.84 -5.58
N ASP A 153 5.05 6.61 -6.67
CA ASP A 153 6.15 6.72 -7.63
C ASP A 153 7.24 7.70 -7.20
N HIS A 154 7.93 7.35 -6.12
CA HIS A 154 9.01 8.17 -5.57
C HIS A 154 9.90 7.24 -4.76
N PRO A 155 11.23 7.33 -4.97
CA PRO A 155 12.17 6.48 -4.23
C PRO A 155 12.01 6.41 -2.72
N HIS A 156 11.90 7.56 -2.06
CA HIS A 156 11.76 7.57 -0.60
C HIS A 156 10.44 6.93 -0.16
N VAL A 157 9.37 7.23 -0.89
CA VAL A 157 8.06 6.69 -0.56
C VAL A 157 8.06 5.16 -0.66
N LEU A 158 8.46 4.62 -1.81
CA LEU A 158 8.45 3.18 -1.98
C LEU A 158 9.46 2.47 -1.07
N ALA A 159 10.60 3.09 -0.83
CA ALA A 159 11.61 2.48 0.04
C ALA A 159 11.01 2.35 1.44
N GLY A 160 10.27 3.38 1.85
CA GLY A 160 9.64 3.36 3.15
C GLY A 160 8.65 2.22 3.30
N GLN A 161 7.77 2.05 2.30
CA GLN A 161 6.78 1.00 2.34
C GLN A 161 7.43 -0.37 2.54
N GLY A 162 8.63 -0.54 1.99
CA GLY A 162 9.34 -1.80 2.11
C GLY A 162 9.75 -2.21 3.51
N THR A 163 9.66 -1.29 4.46
CA THR A 163 10.03 -1.59 5.83
C THR A 163 9.08 -2.57 6.51
N ALA A 164 7.86 -2.69 5.99
CA ALA A 164 6.90 -3.63 6.58
C ALA A 164 7.38 -5.05 6.31
N ALA A 165 7.73 -5.32 5.05
CA ALA A 165 8.22 -6.63 4.65
C ALA A 165 9.54 -6.91 5.37
N LYS A 166 10.35 -5.87 5.55
CA LYS A 166 11.63 -6.02 6.23
C LYS A 166 11.40 -6.57 7.64
N GLU A 167 10.43 -5.97 8.32
CA GLU A 167 10.11 -6.40 9.68
C GLU A 167 9.55 -7.82 9.67
N LEU A 168 8.77 -8.15 8.65
CA LEU A 168 8.19 -9.50 8.54
C LEU A 168 9.29 -10.56 8.41
N PHE A 169 10.27 -10.32 7.55
CA PHE A 169 11.35 -11.29 7.35
C PHE A 169 12.25 -11.40 8.58
N GLU A 170 12.55 -10.27 9.21
CA GLU A 170 13.40 -10.26 10.40
C GLU A 170 12.72 -11.00 11.55
N GLU A 171 11.40 -10.96 11.59
CA GLU A 171 10.65 -11.61 12.65
C GLU A 171 10.38 -13.11 12.45
N VAL A 172 10.21 -13.53 11.19
CA VAL A 172 9.92 -14.93 10.93
C VAL A 172 10.86 -15.62 9.94
N GLY A 173 11.85 -14.90 9.44
CA GLY A 173 12.79 -15.49 8.51
C GLY A 173 12.32 -15.56 7.07
N PRO A 174 13.10 -16.21 6.19
CA PRO A 174 12.75 -16.34 4.77
C PRO A 174 11.40 -17.02 4.58
N LEU A 175 10.71 -16.68 3.51
CA LEU A 175 9.41 -17.27 3.22
C LEU A 175 9.45 -17.88 1.84
N ASP A 176 8.49 -18.75 1.53
CA ASP A 176 8.44 -19.37 0.23
C ASP A 176 7.72 -18.46 -0.74
N ALA A 177 6.76 -17.70 -0.22
CA ALA A 177 5.99 -16.77 -1.05
C ALA A 177 5.51 -15.58 -0.23
N LEU A 178 5.40 -14.44 -0.90
CA LEU A 178 4.92 -13.21 -0.26
C LEU A 178 3.85 -12.57 -1.14
N PHE A 179 2.66 -12.39 -0.58
CA PHE A 179 1.56 -11.78 -1.33
C PHE A 179 1.42 -10.33 -0.89
N VAL A 180 1.38 -9.43 -1.87
CA VAL A 180 1.29 -8.00 -1.61
C VAL A 180 0.22 -7.34 -2.48
N CYS A 181 -0.51 -6.40 -1.90
CA CYS A 181 -1.56 -5.67 -2.59
C CYS A 181 -0.91 -4.72 -3.59
N LEU A 182 -1.56 -4.51 -4.73
CA LEU A 182 -0.97 -3.64 -5.76
C LEU A 182 -1.86 -2.54 -6.33
N GLY A 183 -1.43 -1.30 -6.10
CA GLY A 183 -2.12 -0.14 -6.63
C GLY A 183 -1.13 0.46 -7.61
N GLY A 184 -0.45 1.53 -7.18
CA GLY A 184 0.55 2.17 -8.02
C GLY A 184 1.86 1.40 -8.02
N GLY A 185 2.07 0.55 -7.03
CA GLY A 185 3.29 -0.25 -6.97
C GLY A 185 4.32 0.13 -5.92
N GLY A 186 4.01 1.11 -5.08
CA GLY A 186 4.96 1.51 -4.04
C GLY A 186 5.16 0.41 -3.02
N LEU A 187 4.07 -0.16 -2.52
CA LEU A 187 4.16 -1.23 -1.54
C LEU A 187 4.85 -2.46 -2.12
N LEU A 188 4.43 -2.87 -3.32
CA LEU A 188 5.01 -4.03 -3.96
C LEU A 188 6.50 -3.85 -4.27
N SER A 189 6.85 -2.71 -4.87
CA SER A 189 8.26 -2.46 -5.21
C SER A 189 9.12 -2.46 -3.95
N GLY A 190 8.69 -1.73 -2.92
CA GLY A 190 9.45 -1.69 -1.69
C GLY A 190 9.59 -3.07 -1.08
N SER A 191 8.48 -3.81 -1.05
CA SER A 191 8.48 -5.16 -0.49
C SER A 191 9.40 -6.08 -1.29
N ALA A 192 9.42 -5.93 -2.61
CA ALA A 192 10.25 -6.76 -3.46
C ALA A 192 11.73 -6.55 -3.15
N LEU A 193 12.10 -5.32 -2.83
CA LEU A 193 13.48 -5.01 -2.49
C LEU A 193 13.87 -5.73 -1.20
N ALA A 194 12.95 -5.73 -0.23
CA ALA A 194 13.20 -6.39 1.05
C ALA A 194 13.31 -7.90 0.87
N ALA A 195 12.40 -8.45 0.08
CA ALA A 195 12.37 -9.88 -0.19
C ALA A 195 13.65 -10.39 -0.85
N ARG A 196 14.10 -9.68 -1.87
CA ARG A 196 15.31 -10.08 -2.57
C ARG A 196 16.52 -10.09 -1.67
N HIS A 197 16.50 -9.26 -0.63
CA HIS A 197 17.59 -9.19 0.32
C HIS A 197 17.49 -10.33 1.35
N PHE A 198 16.39 -10.37 2.10
CA PHE A 198 16.20 -11.39 3.12
C PHE A 198 15.95 -12.80 2.61
N ALA A 199 15.28 -12.92 1.47
CA ALA A 199 15.00 -14.23 0.90
C ALA A 199 14.97 -14.14 -0.63
N PRO A 200 16.15 -14.05 -1.25
CA PRO A 200 16.34 -13.94 -2.70
C PRO A 200 15.57 -14.95 -3.52
N ASN A 201 15.16 -16.04 -2.89
CA ASN A 201 14.42 -17.07 -3.61
C ASN A 201 12.94 -17.09 -3.29
N CYS A 202 12.47 -16.05 -2.59
CA CYS A 202 11.05 -15.91 -2.26
C CYS A 202 10.28 -15.55 -3.52
N GLU A 203 9.10 -16.12 -3.66
CA GLU A 203 8.24 -15.79 -4.79
C GLU A 203 7.48 -14.54 -4.35
N VAL A 204 7.63 -13.44 -5.08
CA VAL A 204 6.93 -12.22 -4.72
C VAL A 204 5.75 -12.02 -5.66
N TYR A 205 4.55 -11.97 -5.07
CA TYR A 205 3.33 -11.80 -5.86
C TYR A 205 2.59 -10.48 -5.62
N GLY A 206 2.25 -9.81 -6.71
CA GLY A 206 1.49 -8.59 -6.60
C GLY A 206 0.06 -9.01 -6.86
N VAL A 207 -0.91 -8.35 -6.24
CA VAL A 207 -2.31 -8.70 -6.44
C VAL A 207 -3.15 -7.46 -6.69
N GLU A 208 -3.89 -7.46 -7.79
CA GLU A 208 -4.75 -6.34 -8.15
C GLU A 208 -6.19 -6.80 -8.33
N PRO A 209 -7.15 -5.89 -8.19
CA PRO A 209 -8.55 -6.29 -8.38
C PRO A 209 -8.66 -6.55 -9.89
N GLU A 210 -9.44 -7.55 -10.28
CA GLU A 210 -9.58 -7.89 -11.70
C GLU A 210 -9.91 -6.73 -12.65
N ALA A 211 -10.83 -5.85 -12.25
CA ALA A 211 -11.18 -4.72 -13.09
C ALA A 211 -10.02 -3.74 -13.25
N GLY A 212 -9.11 -3.71 -12.28
CA GLY A 212 -7.97 -2.82 -12.39
C GLY A 212 -6.68 -3.60 -12.52
N ASN A 213 -6.58 -4.44 -13.55
CA ASN A 213 -5.39 -5.24 -13.73
C ASN A 213 -4.34 -4.65 -14.66
N ASP A 214 -4.24 -3.32 -14.69
CA ASP A 214 -3.23 -2.68 -15.55
C ASP A 214 -1.84 -3.17 -15.16
N GLY A 215 -1.59 -3.28 -13.85
CA GLY A 215 -0.31 -3.76 -13.39
C GLY A 215 0.05 -5.11 -13.97
N GLN A 216 -0.91 -6.03 -13.94
CA GLN A 216 -0.72 -7.38 -14.48
C GLN A 216 -0.39 -7.27 -15.96
N GLN A 217 -1.19 -6.48 -16.68
CA GLN A 217 -0.99 -6.28 -18.11
C GLN A 217 0.41 -5.73 -18.38
N SER A 218 0.83 -4.75 -17.57
CA SER A 218 2.15 -4.14 -17.71
C SER A 218 3.24 -5.18 -17.52
N PHE A 219 3.11 -5.98 -16.48
CA PHE A 219 4.06 -7.03 -16.13
C PHE A 219 4.23 -8.05 -17.27
N ARG A 220 3.14 -8.39 -17.95
CA ARG A 220 3.18 -9.35 -19.05
C ARG A 220 3.80 -8.69 -20.29
N LYS A 221 3.27 -7.52 -20.63
CA LYS A 221 3.68 -6.75 -21.81
C LYS A 221 5.12 -6.26 -21.79
N GLY A 222 5.58 -5.76 -20.64
CA GLY A 222 6.94 -5.29 -20.55
C GLY A 222 6.99 -3.77 -20.57
N SER A 223 5.82 -3.15 -20.61
CA SER A 223 5.71 -1.69 -20.61
C SER A 223 4.45 -1.32 -19.84
N ILE A 224 4.36 -0.05 -19.44
CA ILE A 224 3.20 0.40 -18.68
C ILE A 224 1.92 0.48 -19.51
N VAL A 225 0.89 -0.21 -19.02
CA VAL A 225 -0.41 -0.23 -19.69
C VAL A 225 -1.32 0.74 -18.94
N HIS A 226 -2.06 1.56 -19.68
CA HIS A 226 -2.96 2.52 -19.08
C HIS A 226 -4.41 2.10 -19.29
N ILE A 227 -5.21 2.25 -18.24
CA ILE A 227 -6.62 1.89 -18.29
C ILE A 227 -7.45 3.01 -17.70
N ASP A 228 -8.76 2.96 -17.93
CA ASP A 228 -9.65 3.96 -17.36
C ASP A 228 -9.77 3.56 -15.89
N THR A 229 -10.07 4.52 -15.02
CA THR A 229 -10.21 4.22 -13.61
C THR A 229 -11.14 3.04 -13.43
N PRO A 230 -10.65 1.96 -12.80
CA PRO A 230 -11.48 0.77 -12.58
C PRO A 230 -12.55 0.92 -11.52
N LYS A 231 -13.68 0.24 -11.72
CA LYS A 231 -14.79 0.26 -10.77
C LYS A 231 -14.59 -0.97 -9.89
N THR A 232 -14.26 -0.74 -8.62
CA THR A 232 -14.07 -1.84 -7.69
C THR A 232 -14.12 -1.30 -6.27
N ILE A 233 -14.43 -2.17 -5.31
CA ILE A 233 -14.50 -1.76 -3.91
C ILE A 233 -13.10 -1.59 -3.31
N ALA A 234 -12.09 -2.04 -4.05
CA ALA A 234 -10.71 -1.89 -3.57
C ALA A 234 -10.32 -0.45 -3.89
N ASP A 235 -10.90 0.49 -3.14
CA ASP A 235 -10.67 1.91 -3.36
C ASP A 235 -9.23 2.38 -3.28
N GLY A 236 -8.35 1.52 -2.78
CA GLY A 236 -6.95 1.89 -2.68
C GLY A 236 -6.11 1.35 -3.83
N ALA A 237 -6.75 0.71 -4.81
CA ALA A 237 -6.04 0.15 -5.95
C ALA A 237 -6.67 0.48 -7.30
N GLN A 238 -7.32 1.64 -7.37
CA GLN A 238 -7.97 2.09 -8.59
C GLN A 238 -7.07 2.93 -9.50
N THR A 239 -5.76 2.77 -9.32
CA THR A 239 -4.78 3.49 -10.13
C THR A 239 -4.98 3.11 -11.60
N GLN A 240 -4.72 4.05 -12.49
CA GLN A 240 -4.86 3.80 -13.92
C GLN A 240 -3.61 3.18 -14.55
N HIS A 241 -2.49 3.25 -13.84
CA HIS A 241 -1.24 2.68 -14.32
C HIS A 241 -0.16 2.69 -13.24
N LEU A 242 0.86 1.86 -13.42
CA LEU A 242 1.93 1.78 -12.44
C LEU A 242 2.87 2.98 -12.53
N GLY A 243 3.63 3.20 -11.47
CA GLY A 243 4.60 4.28 -11.46
C GLY A 243 5.81 3.85 -12.25
N ASN A 244 6.64 4.80 -12.67
CA ASN A 244 7.84 4.49 -13.44
C ASN A 244 8.90 3.83 -12.56
N TYR A 245 9.14 4.40 -11.39
CA TYR A 245 10.11 3.83 -10.45
C TYR A 245 9.64 2.44 -10.02
N THR A 246 8.40 2.35 -9.55
CA THR A 246 7.85 1.08 -9.08
C THR A 246 7.85 -0.01 -10.15
N PHE A 247 7.43 0.32 -11.37
CA PHE A 247 7.42 -0.68 -12.41
C PHE A 247 8.82 -1.19 -12.75
N SER A 248 9.81 -0.30 -12.73
CA SER A 248 11.17 -0.70 -13.05
C SER A 248 11.65 -1.77 -12.08
N ILE A 249 11.22 -1.68 -10.83
CA ILE A 249 11.61 -2.66 -9.83
C ILE A 249 10.73 -3.89 -9.92
N ILE A 250 9.42 -3.68 -10.03
CA ILE A 250 8.45 -4.78 -10.14
C ILE A 250 8.81 -5.67 -11.31
N LYS A 251 9.27 -5.04 -12.39
CA LYS A 251 9.64 -5.72 -13.61
C LYS A 251 10.80 -6.69 -13.42
N GLU A 252 11.70 -6.39 -12.49
CA GLU A 252 12.85 -7.25 -12.27
C GLU A 252 12.80 -8.11 -11.01
N LYS A 253 12.09 -7.68 -9.99
CA LYS A 253 12.06 -8.43 -8.75
C LYS A 253 10.74 -9.06 -8.32
N VAL A 254 9.73 -9.00 -9.19
CA VAL A 254 8.42 -9.59 -8.92
C VAL A 254 8.21 -10.80 -9.80
N ASP A 255 7.67 -11.88 -9.23
CA ASP A 255 7.47 -13.10 -9.97
C ASP A 255 6.15 -13.23 -10.72
N ASP A 256 5.11 -12.58 -10.24
CA ASP A 256 3.82 -12.66 -10.90
C ASP A 256 2.82 -11.66 -10.32
N ILE A 257 1.80 -11.32 -11.11
CA ILE A 257 0.75 -10.39 -10.69
C ILE A 257 -0.57 -11.16 -10.84
N LEU A 258 -1.32 -11.25 -9.75
CA LEU A 258 -2.58 -11.98 -9.77
C LEU A 258 -3.75 -11.01 -9.59
N THR A 259 -4.96 -11.49 -9.87
CA THR A 259 -6.15 -10.68 -9.69
C THR A 259 -7.22 -11.50 -8.97
N VAL A 260 -8.12 -10.80 -8.30
CA VAL A 260 -9.21 -11.42 -7.57
C VAL A 260 -10.42 -10.51 -7.77
N SER A 261 -11.62 -11.08 -7.68
CA SER A 261 -12.85 -10.32 -7.84
C SER A 261 -13.27 -9.65 -6.54
N ASP A 262 -14.15 -8.66 -6.64
CA ASP A 262 -14.64 -7.96 -5.44
C ASP A 262 -15.35 -8.96 -4.53
N GLU A 263 -15.94 -9.97 -5.16
CA GLU A 263 -16.66 -11.04 -4.46
C GLU A 263 -15.67 -11.77 -3.56
N GLU A 264 -14.50 -12.08 -4.11
CA GLU A 264 -13.46 -12.76 -3.35
C GLU A 264 -12.96 -11.86 -2.23
N LEU A 265 -12.92 -10.56 -2.48
CA LEU A 265 -12.47 -9.61 -1.47
C LEU A 265 -13.40 -9.62 -0.27
N ILE A 266 -14.70 -9.60 -0.54
CA ILE A 266 -15.71 -9.59 0.50
C ILE A 266 -15.64 -10.85 1.36
N ASP A 267 -15.42 -11.99 0.73
CA ASP A 267 -15.35 -13.23 1.47
C ASP A 267 -14.13 -13.17 2.40
N CYS A 268 -13.06 -12.58 1.89
CA CYS A 268 -11.83 -12.44 2.65
C CYS A 268 -11.99 -11.49 3.83
N LEU A 269 -12.74 -10.43 3.60
CA LEU A 269 -13.01 -9.43 4.64
C LEU A 269 -13.79 -10.08 5.78
N LYS A 270 -14.75 -10.93 5.43
CA LYS A 270 -15.56 -11.63 6.41
C LYS A 270 -14.70 -12.64 7.15
N PHE A 271 -13.79 -13.28 6.43
CA PHE A 271 -12.88 -14.25 7.03
C PHE A 271 -12.00 -13.59 8.08
N TYR A 272 -11.44 -12.44 7.73
CA TYR A 272 -10.57 -11.72 8.66
C TYR A 272 -11.30 -11.35 9.94
N ALA A 273 -12.52 -10.86 9.80
CA ALA A 273 -13.32 -10.46 10.95
C ALA A 273 -13.68 -11.67 11.78
N ALA A 274 -14.32 -12.64 11.14
CA ALA A 274 -14.77 -13.85 11.81
C ALA A 274 -13.68 -14.75 12.41
N ARG A 275 -12.69 -15.11 11.61
CA ARG A 275 -11.64 -15.99 12.11
C ARG A 275 -10.41 -15.36 12.75
N MET A 276 -10.00 -14.20 12.28
CA MET A 276 -8.82 -13.57 12.85
C MET A 276 -9.10 -12.34 13.71
N LYS A 277 -10.38 -12.01 13.82
CA LYS A 277 -10.84 -10.90 14.63
C LYS A 277 -10.20 -9.54 14.34
N ILE A 278 -10.00 -9.24 13.05
CA ILE A 278 -9.42 -7.96 12.65
C ILE A 278 -10.23 -7.31 11.52
N VAL A 279 -10.22 -5.97 11.52
CA VAL A 279 -10.91 -5.21 10.51
C VAL A 279 -9.94 -4.88 9.37
N VAL A 280 -10.27 -5.32 8.17
CA VAL A 280 -9.43 -5.09 7.01
C VAL A 280 -10.21 -4.40 5.90
N GLU A 281 -9.65 -3.36 5.30
CA GLU A 281 -10.37 -2.69 4.22
C GLU A 281 -10.26 -3.56 2.97
N PRO A 282 -11.25 -3.45 2.06
CA PRO A 282 -11.26 -4.25 0.84
C PRO A 282 -9.91 -4.35 0.14
N THR A 283 -9.23 -3.23 -0.03
CA THR A 283 -7.94 -3.25 -0.69
C THR A 283 -6.94 -4.10 0.09
N GLY A 284 -7.07 -4.12 1.41
CA GLY A 284 -6.17 -4.91 2.23
C GLY A 284 -6.43 -6.40 2.14
N CYS A 285 -7.51 -6.77 1.45
CA CYS A 285 -7.88 -8.17 1.30
C CYS A 285 -7.37 -8.82 0.01
N LEU A 286 -6.72 -8.05 -0.85
CA LEU A 286 -6.23 -8.59 -2.12
C LEU A 286 -5.21 -9.71 -1.97
N SER A 287 -4.16 -9.46 -1.21
CA SER A 287 -3.11 -10.45 -1.02
C SER A 287 -3.63 -11.81 -0.51
N PHE A 288 -4.42 -11.81 0.55
CA PHE A 288 -4.94 -13.08 1.06
C PHE A 288 -5.95 -13.74 0.13
N ALA A 289 -6.79 -12.93 -0.51
CA ALA A 289 -7.78 -13.47 -1.43
C ALA A 289 -7.08 -14.27 -2.52
N ALA A 290 -5.97 -13.74 -3.03
CA ALA A 290 -5.22 -14.43 -4.07
C ALA A 290 -4.59 -15.71 -3.52
N ALA A 291 -3.96 -15.60 -2.35
CA ALA A 291 -3.32 -16.76 -1.72
C ALA A 291 -4.31 -17.91 -1.56
N ARG A 292 -5.53 -17.59 -1.15
CA ARG A 292 -6.55 -18.63 -0.98
C ARG A 292 -6.83 -19.27 -2.34
N ALA A 293 -6.93 -18.44 -3.37
CA ALA A 293 -7.21 -18.91 -4.72
C ALA A 293 -6.17 -19.90 -5.25
N MET A 294 -4.96 -19.88 -4.70
CA MET A 294 -3.92 -20.80 -5.14
C MET A 294 -3.35 -21.61 -3.98
N LYS A 295 -4.21 -21.99 -3.04
CA LYS A 295 -3.75 -22.76 -1.89
C LYS A 295 -2.99 -24.01 -2.28
N GLU A 296 -3.45 -24.69 -3.33
CA GLU A 296 -2.80 -25.93 -3.78
C GLU A 296 -1.30 -25.74 -3.96
N LYS A 297 -0.90 -24.58 -4.45
CA LYS A 297 0.50 -24.26 -4.69
C LYS A 297 1.28 -23.94 -3.42
N LEU A 298 0.57 -23.58 -2.36
CA LEU A 298 1.22 -23.22 -1.10
C LEU A 298 1.35 -24.36 -0.08
N LYS A 299 0.94 -25.56 -0.46
CA LYS A 299 1.01 -26.70 0.43
C LYS A 299 2.44 -26.97 0.94
N ASN A 300 2.56 -27.19 2.25
CA ASN A 300 3.84 -27.44 2.90
C ASN A 300 4.88 -26.34 2.64
N LYS A 301 4.43 -25.10 2.68
CA LYS A 301 5.31 -23.96 2.46
C LYS A 301 5.06 -22.89 3.52
N ARG A 302 5.92 -21.88 3.55
CA ARG A 302 5.78 -20.79 4.51
C ARG A 302 5.39 -19.55 3.71
N ILE A 303 4.20 -19.03 3.99
CA ILE A 303 3.68 -17.89 3.27
C ILE A 303 3.50 -16.61 4.07
N GLY A 304 3.86 -15.49 3.45
CA GLY A 304 3.71 -14.19 4.08
C GLY A 304 2.59 -13.43 3.40
N ILE A 305 1.72 -12.85 4.21
CA ILE A 305 0.57 -12.10 3.72
C ILE A 305 0.63 -10.68 4.29
N ILE A 306 0.69 -9.69 3.42
CA ILE A 306 0.70 -8.30 3.86
C ILE A 306 -0.73 -7.82 3.99
N ILE A 307 -1.09 -7.33 5.18
CA ILE A 307 -2.42 -6.78 5.40
C ILE A 307 -2.14 -5.29 5.39
N SER A 308 -2.33 -4.68 4.23
CA SER A 308 -2.02 -3.28 4.01
C SER A 308 -2.77 -2.23 4.81
N GLY A 309 -4.04 -2.45 5.10
CA GLY A 309 -4.77 -1.44 5.85
C GLY A 309 -6.13 -1.86 6.37
N GLY A 310 -6.69 -1.02 7.24
CA GLY A 310 -8.00 -1.30 7.79
C GLY A 310 -8.90 -0.07 7.85
N ASN A 311 -8.65 0.90 6.97
CA ASN A 311 -9.46 2.12 6.95
C ASN A 311 -10.69 2.00 6.06
N VAL A 312 -11.84 1.87 6.69
CA VAL A 312 -13.11 1.74 5.98
C VAL A 312 -14.20 2.51 6.72
N ASP A 313 -15.25 2.90 6.01
CA ASP A 313 -16.34 3.57 6.69
C ASP A 313 -17.07 2.41 7.37
N ILE A 314 -17.29 2.52 8.67
CA ILE A 314 -17.98 1.47 9.41
C ILE A 314 -19.28 1.04 8.76
N GLU A 315 -20.07 2.00 8.31
CA GLU A 315 -21.35 1.71 7.66
C GLU A 315 -21.11 0.83 6.44
N ARG A 316 -20.09 1.18 5.66
CA ARG A 316 -19.76 0.42 4.47
C ARG A 316 -19.26 -0.97 4.87
N TYR A 317 -18.41 -1.01 5.89
CA TYR A 317 -17.87 -2.26 6.39
C TYR A 317 -19.00 -3.19 6.89
N ALA A 318 -19.96 -2.62 7.62
CA ALA A 318 -21.07 -3.43 8.12
C ALA A 318 -21.80 -4.04 6.94
N HIS A 319 -21.98 -3.23 5.90
CA HIS A 319 -22.66 -3.67 4.68
C HIS A 319 -21.93 -4.83 4.01
N PHE A 320 -20.61 -4.76 3.93
CA PHE A 320 -19.85 -5.84 3.31
C PHE A 320 -20.00 -7.12 4.11
N LEU A 321 -19.89 -7.01 5.43
CA LEU A 321 -20.01 -8.16 6.31
C LEU A 321 -21.37 -8.82 6.20
N SER A 322 -22.37 -8.05 5.78
CA SER A 322 -23.74 -8.55 5.64
C SER A 322 -24.00 -9.36 4.38
N GLN A 323 -23.08 -9.30 3.42
CA GLN A 323 -23.27 -10.05 2.18
C GLN A 323 -23.11 -11.55 2.45
N PDD B . -2.58 3.68 -1.39
N1 PDD B . -3.56 -1.25 0.40
C2 PDD B . -4.17 -0.10 0.96
C2A PDD B . -4.98 -0.23 2.21
C3 PDD B . -3.97 1.20 0.28
O3A PDD B . -4.47 2.40 0.67
C4 PDD B . -3.12 1.19 -0.99
C4A PDD B . -2.84 2.45 -1.77
C5 PDD B . -2.54 -0.05 -1.49
C5A PDD B . -1.69 -0.08 -2.76
OP4 PDD B . -0.40 0.58 -2.73
P PDD B . 0.33 0.95 -3.88
OP1 PDD B . -0.51 2.03 -4.53
OP2 PDD B . 1.54 1.54 -3.41
OP3 PDD B . 0.65 0.13 -4.96
C6 PDD B . -2.79 -1.29 -0.76
CA PDD B . -2.30 4.90 -2.19
CB PDD B . -0.82 5.14 -2.32
C PDD B . -2.92 6.18 -1.48
O PDD B . -3.53 6.09 -0.41
OXT PDD B . -2.81 7.32 -1.98
N SER C . -3.49 3.68 -5.12
CA SER C . -4.48 4.62 -5.64
C SER C . -4.22 6.09 -5.25
O SER C . -3.06 6.51 -4.99
CB SER C . -5.86 4.22 -5.09
OG SER C . -6.80 4.03 -6.12
OXT SER C . -5.13 6.92 -5.20
MG MG D . -4.31 -1.78 -11.08
#